data_2FIR
#
_entry.id   2FIR
#
_cell.length_a   70.020
_cell.length_b   80.980
_cell.length_c   126.330
_cell.angle_alpha   90.00
_cell.angle_beta   90.00
_cell.angle_gamma   90.00
#
_symmetry.space_group_name_H-M   'P 21 21 21'
#
loop_
_entity.id
_entity.type
_entity.pdbx_description
1 polymer 'Coagulation factor VII Light chain'
2 polymer 'Coagulation factor VII Heavy Chain (EC 3.4.21.21)'
3 polymer 'Tissue factor'
4 non-polymer alpha-D-glucopyranose
5 non-polymer alpha-L-fucopyranose
6 non-polymer 'MAGNESIUM ION'
7 non-polymer 'CALCIUM ION'
8 non-polymer D-phenylalanyl-N-[(3S)-6-carbamimidamido-1-chloro-2-oxohexan-3-yl]-L-prolinamide
9 non-polymer 'SODIUM ION'
10 non-polymer 'ZINC ION'
11 non-polymer 'CHLORIDE ION'
12 water water
#
loop_
_entity_poly.entity_id
_entity_poly.type
_entity_poly.pdbx_seq_one_letter_code
_entity_poly.pdbx_strand_id
1 'polypeptide(L)'
;ANAFL(CGU)(CGU)LRPGSL(CGU)R(CGU)CK(CGU)(CGU)QCSF(CGU)(CGU)AR(CGU)IFKDA(CGU)RTKLF
WISYSDGDQCASSPCQNGGSCKDQLQSYICFCLPAFEGRNCETHKDDQLICVNENGGCEQYCSDHTGTKRSCRCHEGYSL
LADGVSCTPTVEYPCGKIPILE
;
L
2 'polypeptide(L)'
;IVGGKVCPKGECPWQVLLLVNGAQLCGGTLINTIWVVSAAHCFDKIKNWRNLIAVLGEHDLSEHDGDEQSRRVAQVIIPS
TYVPGTTNHDIALLRLHQPVVLTDHVVPLCLPERTFSERTLAFVRFSLVSGWGQLLDRGATALELMVLNVPRLMTQDCLQ
QSRKVGDSPNITEYMFCAGYSDGSKDSCKGDSGGPHATHYRGTWYLTGIVSWGQGCATVGHFGVYTRVSQYIEWLQKLMR
SEPRPGVLLRAPFP
;
H
3 'polypeptide(L)'
;TVAAYNLTWKSTNFKTILEWEPKPVNQVYTVQISTKSGDWKSKCFYTTDTECDLTDEIVKDVKQTYLARVFSYPAGNVES
TGSAGEPLYENSPEFTPYLETNLGQPTIQSFEQVGTKVNVTVEDERTLVRRNNTFLSLRDVFGKDLIYTLYYWKSSSSGK
KTAKTNTNEFLIDVDKGENYCFSVQAVIPSRTVNRKSTDSPVECM
;
T
#
# COMPACT_ATOMS: atom_id res chain seq x y z
N ALA A 1 -22.79 -7.25 50.88
CA ALA A 1 -21.85 -7.80 51.92
C ALA A 1 -22.35 -7.44 53.32
N ASN A 2 -22.91 -8.46 53.99
CA ASN A 2 -23.52 -8.35 55.32
C ASN A 2 -22.68 -8.90 56.51
N ALA A 3 -22.59 -8.11 57.60
CA ALA A 3 -21.85 -8.48 58.83
C ALA A 3 -22.40 -7.94 60.19
N PHE A 4 -23.69 -8.22 60.45
CA PHE A 4 -24.47 -7.84 61.65
C PHE A 4 -24.23 -6.47 62.33
N LEU A 5 -23.24 -6.35 63.22
CA LEU A 5 -22.98 -5.08 63.90
C LEU A 5 -22.47 -4.00 62.94
N LEU A 8 -25.40 -1.48 61.18
CA LEU A 8 -26.16 -0.58 62.04
C LEU A 8 -26.14 0.87 61.54
N ARG A 9 -25.10 1.20 60.79
CA ARG A 9 -24.92 2.54 60.23
C ARG A 9 -25.79 2.71 58.96
N PRO A 10 -26.04 3.96 58.55
CA PRO A 10 -26.85 4.19 57.35
C PRO A 10 -26.04 3.92 56.07
N GLY A 11 -26.73 3.93 54.93
CA GLY A 11 -26.08 3.67 53.65
C GLY A 11 -24.84 4.51 53.39
N SER A 12 -23.84 3.89 52.77
CA SER A 12 -22.62 4.59 52.44
C SER A 12 -21.91 3.90 51.29
N LEU A 13 -21.64 4.65 50.23
CA LEU A 13 -20.96 4.13 49.05
C LEU A 13 -19.50 3.74 49.40
N ARG A 15 -18.22 2.81 52.40
CA ARG A 15 -18.20 1.63 53.26
C ARG A 15 -18.65 0.30 52.59
N CYS A 17 -19.36 -0.16 49.01
CA CYS A 17 -18.87 -0.41 47.65
C CYS A 17 -17.41 -0.16 47.39
N LYS A 18 -16.80 0.78 48.10
CA LYS A 18 -15.39 1.08 47.87
C LYS A 18 -14.46 0.22 48.75
N GLN A 21 -17.38 -4.92 48.69
CA GLN A 21 -18.03 -5.19 47.39
C GLN A 21 -19.55 -5.23 47.56
N CYS A 22 -20.26 -4.29 46.92
CA CYS A 22 -21.71 -4.24 47.04
C CYS A 22 -22.45 -4.83 45.83
N SER A 23 -23.67 -5.27 46.06
CA SER A 23 -24.52 -5.86 45.02
C SER A 23 -25.22 -4.76 44.26
N PHE A 24 -25.95 -5.16 43.22
CA PHE A 24 -26.67 -4.19 42.42
C PHE A 24 -27.70 -3.42 43.29
N ALA A 27 -26.36 -0.96 45.79
CA ALA A 27 -25.96 0.23 45.04
C ALA A 27 -27.22 0.99 44.64
N ARG A 28 -28.29 0.24 44.36
CA ARG A 28 -29.54 0.88 43.98
C ARG A 28 -30.16 1.63 45.15
N ILE A 30 -28.54 3.06 47.41
CA ILE A 30 -27.66 4.21 47.59
C ILE A 30 -28.02 5.35 46.60
N PHE A 31 -28.19 5.01 45.33
CA PHE A 31 -28.49 6.03 44.33
C PHE A 31 -29.98 6.31 44.16
N LYS A 32 -30.80 5.30 44.39
CA LYS A 32 -32.27 5.40 44.29
C LYS A 32 -32.84 5.51 42.86
N ASP A 33 -32.29 6.38 42.03
CA ASP A 33 -32.75 6.53 40.65
C ASP A 33 -32.05 5.44 39.83
N ALA A 34 -32.80 4.85 38.92
CA ALA A 34 -32.33 3.76 38.08
C ALA A 34 -31.19 4.08 37.14
N ARG A 36 -29.05 6.44 37.43
CA ARG A 36 -27.85 6.77 38.20
C ARG A 36 -27.08 5.51 38.59
N THR A 37 -27.83 4.53 39.11
CA THR A 37 -27.30 3.22 39.52
C THR A 37 -26.71 2.53 38.28
N LYS A 38 -27.46 2.64 37.18
CA LYS A 38 -27.11 2.09 35.89
C LYS A 38 -25.67 2.49 35.56
N LEU A 39 -25.44 3.78 35.39
CA LEU A 39 -24.09 4.17 35.02
C LEU A 39 -22.99 3.96 36.04
N PHE A 40 -23.36 3.75 37.30
CA PHE A 40 -22.34 3.44 38.32
C PHE A 40 -21.96 1.97 38.20
N TRP A 41 -22.97 1.12 38.22
CA TRP A 41 -22.82 -0.33 38.14
C TRP A 41 -22.16 -0.79 36.85
N ILE A 42 -22.46 -0.10 35.76
CA ILE A 42 -21.94 -0.43 34.45
C ILE A 42 -20.41 -0.54 34.48
N SER A 43 -19.76 0.42 35.13
CA SER A 43 -18.32 0.37 35.22
C SER A 43 -17.88 -0.40 36.46
N TYR A 44 -18.68 -0.31 37.53
CA TYR A 44 -18.35 -0.97 38.81
C TYR A 44 -18.22 -2.49 38.71
N SER A 45 -19.15 -3.13 38.03
CA SER A 45 -19.13 -4.59 37.91
C SER A 45 -18.48 -5.07 36.61
N ASP A 46 -17.67 -4.20 36.00
CA ASP A 46 -17.06 -4.51 34.74
C ASP A 46 -15.82 -5.36 34.86
N GLY A 47 -15.01 -5.08 35.87
CA GLY A 47 -13.80 -5.84 36.05
C GLY A 47 -12.62 -5.20 35.36
N ASP A 48 -11.45 -5.29 36.00
CA ASP A 48 -10.22 -4.74 35.44
C ASP A 48 -9.63 -5.77 34.45
N GLN A 49 -9.76 -5.49 33.15
CA GLN A 49 -9.25 -6.41 32.12
C GLN A 49 -7.72 -6.43 32.01
N CYS A 50 -7.06 -5.50 32.69
CA CYS A 50 -5.60 -5.43 32.72
C CYS A 50 -5.02 -6.21 33.90
N ALA A 51 -5.91 -6.71 34.77
CA ALA A 51 -5.48 -7.43 35.97
C ALA A 51 -4.61 -8.67 35.68
N SER A 52 -4.81 -9.22 34.49
CA SER A 52 -4.08 -10.40 34.02
C SER A 52 -2.80 -10.04 33.27
N SER A 53 -2.51 -8.76 33.18
CA SER A 53 -1.31 -8.26 32.49
C SER A 53 -1.07 -8.85 31.07
N PRO A 54 -2.02 -8.63 30.13
CA PRO A 54 -1.92 -9.13 28.75
C PRO A 54 -0.88 -8.46 27.84
N CYS A 55 -0.37 -7.30 28.24
CA CYS A 55 0.61 -6.60 27.39
C CYS A 55 2.05 -7.08 27.61
N GLN A 56 2.54 -7.87 26.66
CA GLN A 56 3.89 -8.43 26.68
C GLN A 56 4.99 -7.43 26.39
N ASN A 57 6.21 -7.94 26.41
CA ASN A 57 7.40 -7.17 26.09
C ASN A 57 7.54 -5.77 26.64
N GLY A 58 7.07 -5.59 27.88
CA GLY A 58 7.19 -4.31 28.56
C GLY A 58 6.12 -3.27 28.24
N GLY A 59 5.01 -3.73 27.70
CA GLY A 59 3.94 -2.82 27.34
C GLY A 59 3.06 -2.40 28.51
N SER A 60 2.20 -1.42 28.26
CA SER A 60 1.31 -0.90 29.28
C SER A 60 -0.14 -1.03 28.91
N CYS A 61 -0.90 -1.57 29.84
CA CYS A 61 -2.31 -1.81 29.68
C CYS A 61 -3.10 -0.66 30.26
N LYS A 62 -4.22 -0.34 29.63
CA LYS A 62 -5.11 0.68 30.11
C LYS A 62 -6.49 0.07 29.95
N ASP A 63 -7.16 -0.12 31.07
CA ASP A 63 -8.47 -0.74 31.11
C ASP A 63 -9.56 0.11 30.43
N GLN A 64 -10.52 -0.59 29.80
CA GLN A 64 -11.66 0.00 29.13
C GLN A 64 -12.87 -0.85 29.54
N LEU A 65 -14.01 -0.69 28.88
CA LEU A 65 -15.18 -1.49 29.23
C LEU A 65 -15.08 -2.83 28.50
N GLN A 66 -15.03 -3.91 29.27
CA GLN A 66 -14.95 -5.30 28.79
C GLN A 66 -13.79 -5.46 27.79
N SER A 67 -12.71 -4.71 28.01
CA SER A 67 -11.55 -4.72 27.13
C SER A 67 -10.42 -3.90 27.72
N TYR A 68 -9.37 -3.72 26.91
CA TYR A 68 -8.16 -2.99 27.31
C TYR A 68 -7.41 -2.56 26.06
N ILE A 69 -6.41 -1.70 26.25
CA ILE A 69 -5.55 -1.24 25.16
C ILE A 69 -4.09 -1.39 25.62
N CYS A 70 -3.26 -2.00 24.78
CA CYS A 70 -1.84 -2.14 25.07
C CYS A 70 -1.01 -1.09 24.34
N PHE A 71 -0.18 -0.39 25.11
CA PHE A 71 0.69 0.65 24.63
C PHE A 71 2.07 -0.01 24.62
N CYS A 72 2.63 -0.18 23.42
CA CYS A 72 3.87 -0.90 23.28
C CYS A 72 5.14 -0.07 23.19
N LEU A 73 6.25 -0.68 23.58
CA LEU A 73 7.55 -0.02 23.50
C LEU A 73 7.89 0.01 22.01
N PRO A 74 8.76 0.94 21.59
CA PRO A 74 9.14 1.08 20.18
C PRO A 74 9.37 -0.16 19.28
N ALA A 75 10.00 -1.20 19.83
CA ALA A 75 10.33 -2.41 19.06
C ALA A 75 9.24 -3.47 18.96
N PHE A 76 8.07 -3.20 19.52
CA PHE A 76 6.99 -4.18 19.52
C PHE A 76 5.65 -3.66 19.02
N GLU A 77 4.83 -4.58 18.55
CA GLU A 77 3.49 -4.25 18.09
C GLU A 77 2.58 -5.45 18.33
N GLY A 78 1.31 -5.33 17.97
CA GLY A 78 0.34 -6.37 18.19
C GLY A 78 -0.65 -5.96 19.27
N ARG A 79 -1.81 -6.59 19.29
CA ARG A 79 -2.83 -6.30 20.29
C ARG A 79 -2.24 -6.35 21.70
N ASN A 80 -1.31 -7.31 21.90
CA ASN A 80 -0.63 -7.56 23.19
C ASN A 80 0.87 -7.35 23.16
N CYS A 81 1.35 -6.56 22.20
CA CYS A 81 2.79 -6.26 22.04
C CYS A 81 3.62 -7.52 21.89
N GLU A 82 3.00 -8.56 21.37
CA GLU A 82 3.63 -9.86 21.16
C GLU A 82 4.62 -9.91 19.99
N THR A 83 4.43 -9.05 19.00
CA THR A 83 5.25 -9.00 17.79
C THR A 83 6.57 -8.21 17.93
N HIS A 84 7.68 -8.90 17.63
CA HIS A 84 9.00 -8.28 17.69
C HIS A 84 9.32 -7.71 16.30
N LYS A 85 9.55 -6.40 16.21
CA LYS A 85 9.88 -5.78 14.93
C LYS A 85 11.24 -6.21 14.42
N ASP A 86 12.13 -6.59 15.34
CA ASP A 86 13.48 -7.02 14.99
C ASP A 86 13.54 -8.43 14.36
N ASP A 87 12.44 -9.18 14.50
CA ASP A 87 12.32 -10.55 13.97
C ASP A 87 11.51 -10.54 12.70
N GLN A 88 11.39 -9.38 12.07
CA GLN A 88 10.60 -9.22 10.85
C GLN A 88 11.48 -8.87 9.63
N LEU A 89 12.80 -8.95 9.78
CA LEU A 89 13.73 -8.64 8.67
C LEU A 89 13.74 -9.77 7.61
N ILE A 90 12.68 -9.82 6.81
CA ILE A 90 12.52 -10.82 5.77
C ILE A 90 12.20 -10.05 4.49
N CYS A 91 12.41 -10.67 3.33
CA CYS A 91 12.21 -10.00 2.03
C CYS A 91 10.83 -9.52 1.66
N VAL A 92 9.78 -10.13 2.24
CA VAL A 92 8.42 -9.70 1.95
C VAL A 92 8.08 -8.46 2.77
N ASN A 93 8.97 -8.11 3.70
CA ASN A 93 8.76 -6.94 4.53
C ASN A 93 9.61 -5.78 4.01
N GLU A 94 9.01 -4.94 3.18
CA GLU A 94 9.65 -3.78 2.55
C GLU A 94 11.01 -4.13 1.98
N ASN A 95 11.01 -5.23 1.23
CA ASN A 95 12.22 -5.71 0.57
C ASN A 95 13.39 -5.98 1.54
N GLY A 96 13.07 -6.40 2.76
CA GLY A 96 14.08 -6.66 3.76
C GLY A 96 14.97 -5.44 4.00
N GLY A 97 14.56 -4.27 3.50
CA GLY A 97 15.38 -3.09 3.67
C GLY A 97 16.48 -2.96 2.63
N CYS A 98 16.49 -3.90 1.70
CA CYS A 98 17.49 -3.91 0.62
C CYS A 98 17.09 -2.90 -0.41
N GLU A 99 18.09 -2.27 -1.04
CA GLU A 99 17.86 -1.25 -2.06
C GLU A 99 17.42 -1.87 -3.37
N GLN A 100 18.07 -2.98 -3.72
CA GLN A 100 17.79 -3.72 -4.94
C GLN A 100 17.29 -5.12 -4.66
N TYR A 101 18.12 -6.13 -4.83
CA TYR A 101 17.64 -7.48 -4.57
C TYR A 101 17.79 -7.92 -3.09
N CYS A 102 16.90 -8.80 -2.66
CA CYS A 102 16.90 -9.33 -1.31
C CYS A 102 16.84 -10.86 -1.38
N SER A 103 17.62 -11.53 -0.52
CA SER A 103 17.60 -12.99 -0.51
C SER A 103 17.40 -13.52 0.91
N ASP A 104 16.33 -14.29 1.06
CA ASP A 104 15.95 -14.86 2.34
C ASP A 104 16.86 -16.00 2.73
N HIS A 105 17.28 -16.01 4.00
CA HIS A 105 18.10 -17.08 4.56
C HIS A 105 17.47 -17.44 5.90
N THR A 106 16.63 -18.46 5.90
CA THR A 106 15.92 -18.88 7.12
C THR A 106 16.88 -19.41 8.19
N GLY A 107 16.78 -18.85 9.39
CA GLY A 107 17.64 -19.24 10.50
C GLY A 107 18.73 -18.19 10.71
N THR A 108 19.19 -17.58 9.62
CA THR A 108 20.25 -16.55 9.63
C THR A 108 19.68 -15.20 9.12
N LYS A 109 20.51 -14.17 8.98
CA LYS A 109 20.07 -12.83 8.51
C LYS A 109 19.87 -12.89 7.00
N ARG A 110 18.95 -12.11 6.45
CA ARG A 110 18.74 -12.08 4.98
C ARG A 110 19.92 -11.35 4.38
N SER A 111 20.17 -11.52 3.10
CA SER A 111 21.28 -10.79 2.48
C SER A 111 20.76 -9.91 1.34
N CYS A 112 21.46 -8.82 1.07
CA CYS A 112 21.05 -7.95 0.00
C CYS A 112 22.07 -8.11 -1.12
N ARG A 113 21.58 -8.01 -2.35
CA ARG A 113 22.36 -8.16 -3.56
C ARG A 113 22.04 -6.99 -4.47
N CYS A 114 22.75 -6.91 -5.59
CA CYS A 114 22.57 -5.84 -6.56
C CYS A 114 22.47 -6.32 -8.00
N HIS A 115 21.88 -5.48 -8.85
CA HIS A 115 21.72 -5.74 -10.27
C HIS A 115 23.10 -5.59 -10.95
N GLU A 116 23.25 -6.22 -12.10
CA GLU A 116 24.50 -6.11 -12.87
C GLU A 116 24.76 -4.60 -13.07
N GLY A 117 26.04 -4.20 -13.02
CA GLY A 117 26.39 -2.80 -13.18
C GLY A 117 26.41 -2.03 -11.87
N TYR A 118 26.13 -2.74 -10.77
CA TYR A 118 26.10 -2.16 -9.43
C TYR A 118 26.83 -3.12 -8.45
N SER A 119 27.26 -2.58 -7.31
CA SER A 119 27.91 -3.42 -6.30
C SER A 119 27.40 -3.02 -4.92
N LEU A 120 27.39 -3.98 -4.00
CA LEU A 120 26.91 -3.76 -2.63
C LEU A 120 27.81 -2.85 -1.79
N LEU A 121 27.20 -1.83 -1.21
CA LEU A 121 27.86 -0.84 -0.36
C LEU A 121 28.26 -1.38 1.03
N ALA A 122 28.94 -0.54 1.80
CA ALA A 122 29.43 -0.89 3.14
C ALA A 122 28.34 -1.51 4.01
N ASP A 123 27.22 -0.80 4.08
CA ASP A 123 26.07 -1.19 4.89
C ASP A 123 25.45 -2.55 4.61
N GLY A 124 25.80 -3.17 3.49
CA GLY A 124 25.22 -4.45 3.16
C GLY A 124 23.79 -4.35 2.64
N VAL A 125 23.29 -3.14 2.41
CA VAL A 125 21.92 -2.93 1.90
C VAL A 125 21.77 -2.04 0.66
N SER A 126 22.68 -1.07 0.51
CA SER A 126 22.69 -0.12 -0.61
C SER A 126 23.57 -0.55 -1.78
N CYS A 127 23.23 -0.07 -2.97
CA CYS A 127 24.00 -0.40 -4.19
C CYS A 127 24.62 0.83 -4.85
N THR A 128 25.78 0.60 -5.46
CA THR A 128 26.48 1.67 -6.12
C THR A 128 26.98 1.21 -7.51
N PRO A 129 26.82 2.08 -8.54
CA PRO A 129 27.26 1.74 -9.89
C PRO A 129 28.76 1.57 -10.05
N THR A 130 29.09 0.54 -10.83
CA THR A 130 30.45 0.18 -11.18
C THR A 130 30.74 0.52 -12.67
N VAL A 131 29.73 1.04 -13.38
CA VAL A 131 29.85 1.45 -14.77
C VAL A 131 29.40 2.90 -14.91
N GLU A 132 29.74 3.52 -16.04
CA GLU A 132 29.36 4.90 -16.27
C GLU A 132 27.85 5.13 -16.44
N TYR A 133 27.21 4.23 -17.16
CA TYR A 133 25.79 4.35 -17.43
C TYR A 133 25.07 3.09 -16.91
N PRO A 134 24.84 3.02 -15.59
CA PRO A 134 24.16 1.83 -15.07
C PRO A 134 22.69 1.87 -15.50
N CYS A 135 22.05 0.71 -15.59
CA CYS A 135 20.65 0.66 -15.98
C CYS A 135 19.76 1.35 -14.95
N GLY A 136 18.60 1.84 -15.38
CA GLY A 136 17.64 2.43 -14.49
C GLY A 136 17.94 3.77 -13.86
N LYS A 137 18.95 4.47 -14.37
CA LYS A 137 19.29 5.80 -13.88
C LYS A 137 19.19 6.80 -15.04
N ILE A 138 18.62 7.98 -14.79
CA ILE A 138 18.45 9.04 -15.81
C ILE A 138 19.55 10.10 -15.59
N PRO A 139 20.66 10.02 -16.36
CA PRO A 139 21.82 10.92 -16.31
C PRO A 139 21.59 12.42 -16.39
N ILE A 140 20.76 12.86 -17.32
CA ILE A 140 20.52 14.30 -17.51
C ILE A 140 19.92 15.02 -16.30
N LEU A 141 19.32 14.25 -15.41
CA LEU A 141 18.76 14.81 -14.21
C LEU A 141 19.83 15.04 -13.12
N GLU A 142 20.75 14.09 -12.99
CA GLU A 142 21.81 14.14 -11.98
C GLU A 142 23.02 15.06 -12.29
N ILE B 1 -0.56 8.14 -26.09
CA ILE B 1 -0.80 8.37 -24.64
C ILE B 1 -1.88 9.43 -24.60
N VAL B 2 -3.01 9.12 -23.98
CA VAL B 2 -4.09 10.08 -23.82
C VAL B 2 -3.91 10.71 -22.42
N GLY B 3 -4.04 12.03 -22.32
CA GLY B 3 -3.94 12.70 -21.03
C GLY B 3 -2.59 12.78 -20.35
N GLY B 4 -1.54 12.52 -21.11
CA GLY B 4 -0.21 12.58 -20.56
C GLY B 4 0.46 13.92 -20.70
N LYS B 5 1.78 13.90 -20.57
CA LYS B 5 2.63 15.08 -20.66
C LYS B 5 3.81 14.70 -21.56
N VAL B 6 4.49 15.70 -22.11
CA VAL B 6 5.66 15.45 -22.94
C VAL B 6 6.78 15.03 -22.00
N CYS B 7 7.46 13.93 -22.31
CA CYS B 7 8.59 13.51 -21.51
C CYS B 7 9.74 14.44 -21.95
N PRO B 8 10.31 15.23 -21.02
CA PRO B 8 11.42 16.13 -21.36
C PRO B 8 12.54 15.30 -22.00
N LYS B 9 13.17 15.88 -23.01
CA LYS B 9 14.24 15.24 -23.74
C LYS B 9 15.36 14.70 -22.84
N GLY B 10 15.54 13.39 -22.91
CA GLY B 10 16.59 12.76 -22.11
C GLY B 10 16.05 12.04 -20.88
N GLU B 11 14.78 12.29 -20.53
CA GLU B 11 14.17 11.69 -19.34
C GLU B 11 13.47 10.37 -19.44
N CYS B 12 13.42 9.82 -20.64
CA CYS B 12 12.84 8.49 -20.90
C CYS B 12 13.93 7.91 -21.83
N PRO B 13 15.20 7.87 -21.36
CA PRO B 13 16.35 7.39 -22.15
C PRO B 13 16.37 5.93 -22.66
N TRP B 14 15.46 5.09 -22.16
CA TRP B 14 15.38 3.69 -22.57
C TRP B 14 14.28 3.45 -23.59
N GLN B 15 13.50 4.49 -23.90
CA GLN B 15 12.42 4.39 -24.89
C GLN B 15 13.03 4.16 -26.30
N VAL B 16 12.43 3.20 -27.01
CA VAL B 16 12.83 2.85 -28.36
C VAL B 16 11.67 3.11 -29.33
N LEU B 17 11.97 3.71 -30.48
CA LEU B 17 10.95 3.91 -31.51
C LEU B 17 11.25 2.82 -32.56
N LEU B 18 10.29 1.97 -32.84
CA LEU B 18 10.47 0.92 -33.85
C LEU B 18 9.86 1.39 -35.19
N LEU B 19 10.63 1.23 -36.25
CA LEU B 19 10.25 1.61 -37.61
C LEU B 19 10.32 0.44 -38.57
N VAL B 20 9.39 0.41 -39.52
CA VAL B 20 9.39 -0.60 -40.56
C VAL B 20 9.26 0.14 -41.91
N ASN B 21 10.24 -0.07 -42.78
CA ASN B 21 10.28 0.58 -44.09
C ASN B 21 10.32 2.09 -43.91
N GLY B 22 10.81 2.53 -42.76
CA GLY B 22 10.89 3.96 -42.45
C GLY B 22 9.63 4.51 -41.78
N ALA B 23 8.56 3.74 -41.79
CA ALA B 23 7.31 4.15 -41.18
C ALA B 23 7.29 3.74 -39.70
N GLN B 24 6.57 4.53 -38.91
CA GLN B 24 6.42 4.35 -37.47
C GLN B 24 5.63 3.07 -37.19
N LEU B 25 6.20 2.20 -36.36
CA LEU B 25 5.57 0.92 -36.05
C LEU B 25 5.07 0.72 -34.62
N CYS B 26 5.96 0.87 -33.64
CA CYS B 26 5.63 0.66 -32.24
C CYS B 26 6.73 1.25 -31.37
N GLY B 27 6.60 1.03 -30.08
CA GLY B 27 7.61 1.48 -29.16
C GLY B 27 8.36 0.24 -28.70
N GLY B 28 9.34 0.43 -27.83
CA GLY B 28 10.12 -0.66 -27.30
C GLY B 28 10.91 -0.11 -26.15
N THR B 29 11.61 -0.99 -25.41
CA THR B 29 12.41 -0.63 -24.23
C THR B 29 13.80 -1.22 -24.28
N LEU B 30 14.82 -0.38 -24.19
CA LEU B 30 16.20 -0.84 -24.18
C LEU B 30 16.55 -1.49 -22.82
N ILE B 31 17.04 -2.74 -22.82
CA ILE B 31 17.40 -3.38 -21.56
C ILE B 31 18.92 -3.54 -21.32
N ASN B 32 19.69 -3.33 -22.40
CA ASN B 32 21.17 -3.38 -22.43
C ASN B 32 21.60 -2.83 -23.79
N THR B 33 22.88 -2.81 -24.14
CA THR B 33 23.30 -2.24 -25.42
C THR B 33 22.84 -2.97 -26.69
N ILE B 34 22.43 -4.23 -26.55
CA ILE B 34 22.07 -5.03 -27.71
C ILE B 34 20.62 -5.47 -27.72
N TRP B 35 19.98 -5.52 -26.56
CA TRP B 35 18.62 -6.02 -26.49
C TRP B 35 17.50 -5.02 -26.16
N VAL B 36 16.38 -5.19 -26.86
CA VAL B 36 15.18 -4.36 -26.77
C VAL B 36 13.99 -5.29 -26.53
N VAL B 37 13.11 -4.87 -25.65
CA VAL B 37 11.89 -5.62 -25.34
C VAL B 37 10.75 -4.84 -25.99
N SER B 38 9.80 -5.53 -26.60
CA SER B 38 8.66 -4.86 -27.21
C SER B 38 7.41 -5.77 -27.10
N ALA B 39 6.39 -5.55 -27.93
CA ALA B 39 5.19 -6.37 -27.88
C ALA B 39 5.11 -7.27 -29.13
N ALA B 40 4.68 -8.51 -28.95
CA ALA B 40 4.57 -9.44 -30.05
C ALA B 40 3.62 -9.00 -31.16
N HIS B 41 2.46 -8.45 -30.78
CA HIS B 41 1.45 -8.05 -31.78
C HIS B 41 1.92 -6.97 -32.75
N CYS B 42 3.04 -6.32 -32.43
CA CYS B 42 3.59 -5.27 -33.26
C CYS B 42 4.12 -5.86 -34.58
N PHE B 43 4.37 -7.16 -34.57
CA PHE B 43 4.94 -7.85 -35.72
C PHE B 43 3.99 -8.75 -36.54
N ASP B 44 2.70 -8.62 -36.28
CA ASP B 44 1.65 -9.40 -36.94
C ASP B 44 1.51 -9.17 -38.45
N LYS B 45 1.75 -7.95 -38.92
CA LYS B 45 1.61 -7.64 -40.35
C LYS B 45 2.93 -7.34 -41.07
N ILE B 46 4.03 -7.79 -40.48
CA ILE B 46 5.37 -7.57 -41.03
C ILE B 46 5.67 -8.57 -42.13
N LYS B 47 6.05 -8.03 -43.28
CA LYS B 47 6.43 -8.85 -44.41
C LYS B 47 7.92 -8.65 -44.72
N ASN B 48 8.40 -7.41 -44.64
CA ASN B 48 9.81 -7.06 -44.90
C ASN B 48 10.61 -7.10 -43.62
N TRP B 49 10.97 -8.31 -43.18
CA TRP B 49 11.73 -8.54 -41.94
C TRP B 49 13.15 -7.96 -41.87
N ARG B 50 13.70 -7.61 -43.03
CA ARG B 50 15.06 -7.05 -43.09
C ARG B 50 15.05 -5.52 -43.06
N ASN B 51 13.83 -4.97 -42.99
CA ASN B 51 13.60 -3.52 -42.96
C ASN B 51 13.09 -2.98 -41.60
N LEU B 52 13.50 -3.63 -40.51
CA LEU B 52 13.12 -3.22 -39.17
C LEU B 52 14.24 -2.41 -38.55
N ILE B 53 13.90 -1.21 -38.09
CA ILE B 53 14.86 -0.28 -37.47
C ILE B 53 14.43 0.10 -36.06
N ALA B 54 15.40 0.18 -35.15
CA ALA B 54 15.14 0.60 -33.80
C ALA B 54 15.88 1.92 -33.66
N VAL B 55 15.20 2.95 -33.15
CA VAL B 55 15.87 4.24 -32.92
C VAL B 55 15.87 4.58 -31.42
N LEU B 56 17.07 4.79 -30.89
CA LEU B 56 17.28 5.18 -29.49
C LEU B 56 17.61 6.69 -29.47
N GLY B 57 17.34 7.36 -28.35
CA GLY B 57 17.65 8.78 -28.25
C GLY B 57 16.69 9.66 -29.02
N GLU B 58 15.60 9.09 -29.50
CA GLU B 58 14.60 9.84 -30.23
C GLU B 58 13.73 10.64 -29.23
N HIS B 59 13.13 11.74 -29.69
CA HIS B 59 12.29 12.56 -28.83
C HIS B 59 11.22 13.24 -29.68
N ASP B 60 11.67 14.04 -30.65
CA ASP B 60 10.78 14.79 -31.56
C ASP B 60 10.91 14.13 -32.94
N LEU B 61 9.84 13.49 -33.39
CA LEU B 61 9.84 12.78 -34.67
C LEU B 61 9.99 13.69 -35.86
N SER B 62 9.74 14.98 -35.71
CA SER B 62 9.86 15.94 -36.80
C SER B 62 11.24 16.54 -36.97
N GLU B 63 12.14 16.31 -36.01
CA GLU B 63 13.50 16.85 -36.08
C GLU B 63 14.54 15.80 -35.69
N HIS B 64 15.60 15.70 -36.49
CA HIS B 64 16.70 14.77 -36.23
C HIS B 64 17.83 15.51 -35.51
N ASP B 65 18.30 14.99 -34.38
CA ASP B 65 19.45 15.62 -33.70
C ASP B 65 20.57 14.64 -33.47
N GLY B 66 21.71 15.11 -32.98
CA GLY B 66 22.85 14.22 -32.77
C GLY B 66 22.75 13.18 -31.65
N ASP B 67 21.58 13.06 -31.04
CA ASP B 67 21.40 12.10 -29.96
C ASP B 67 20.78 10.80 -30.41
N GLU B 68 20.12 10.83 -31.56
CA GLU B 68 19.45 9.67 -32.13
C GLU B 68 20.45 8.63 -32.70
N GLN B 69 20.22 7.36 -32.39
CA GLN B 69 21.07 6.28 -32.89
C GLN B 69 20.15 5.23 -33.44
N SER B 70 20.27 4.92 -34.72
CA SER B 70 19.45 3.89 -35.34
C SER B 70 20.31 2.64 -35.50
N ARG B 71 19.68 1.49 -35.35
CA ARG B 71 20.35 0.20 -35.50
C ARG B 71 19.36 -0.74 -36.19
N ARG B 72 19.87 -1.63 -37.03
CA ARG B 72 19.01 -2.59 -37.69
C ARG B 72 18.70 -3.69 -36.67
N VAL B 73 17.48 -4.21 -36.73
CA VAL B 73 17.04 -5.27 -35.84
C VAL B 73 17.41 -6.60 -36.50
N ALA B 74 18.34 -7.30 -35.85
CA ALA B 74 18.81 -8.58 -36.32
C ALA B 74 17.84 -9.72 -36.09
N GLN B 75 17.28 -9.80 -34.89
CA GLN B 75 16.36 -10.86 -34.56
C GLN B 75 15.16 -10.38 -33.74
N VAL B 76 14.00 -10.99 -34.01
CA VAL B 76 12.74 -10.70 -33.31
C VAL B 76 12.32 -12.06 -32.78
N ILE B 77 12.40 -12.22 -31.46
CA ILE B 77 12.04 -13.49 -30.78
C ILE B 77 10.70 -13.28 -30.09
N ILE B 78 9.78 -14.20 -30.33
CA ILE B 78 8.44 -14.13 -29.79
C ILE B 78 8.07 -15.50 -29.19
N PRO B 79 7.18 -15.56 -28.17
CA PRO B 79 6.83 -16.88 -27.62
C PRO B 79 6.01 -17.61 -28.69
N SER B 80 6.25 -18.91 -28.86
CA SER B 80 5.48 -19.68 -29.84
C SER B 80 4.02 -19.86 -29.38
N THR B 81 3.77 -19.60 -28.09
CA THR B 81 2.45 -19.70 -27.50
C THR B 81 1.54 -18.50 -27.94
N TYR B 82 2.18 -17.42 -28.37
CA TYR B 82 1.47 -16.24 -28.83
C TYR B 82 0.73 -16.59 -30.16
N VAL B 83 -0.50 -16.11 -30.30
CA VAL B 83 -1.34 -16.35 -31.49
C VAL B 83 -1.66 -14.98 -32.10
N PRO B 84 -1.25 -14.75 -33.37
CA PRO B 84 -1.51 -13.46 -34.00
C PRO B 84 -3.00 -13.10 -33.98
N GLY B 85 -3.25 -11.84 -33.66
CA GLY B 85 -4.61 -11.36 -33.57
C GLY B 85 -5.17 -11.40 -32.17
N THR B 86 -4.45 -12.05 -31.27
CA THR B 86 -4.90 -12.14 -29.90
C THR B 86 -4.08 -11.26 -28.95
N THR B 87 -4.18 -11.55 -27.66
CA THR B 87 -3.51 -10.72 -26.64
C THR B 87 -2.50 -11.41 -25.72
N ASN B 88 -2.71 -12.70 -25.47
CA ASN B 88 -1.85 -13.45 -24.55
C ASN B 88 -0.40 -13.68 -25.05
N HIS B 89 0.57 -13.48 -24.14
CA HIS B 89 2.01 -13.64 -24.43
C HIS B 89 2.51 -12.58 -25.38
N ASP B 90 2.11 -11.34 -25.10
CA ASP B 90 2.45 -10.19 -25.91
C ASP B 90 3.78 -9.53 -25.54
N ILE B 91 4.86 -10.23 -25.93
CA ILE B 91 6.21 -9.81 -25.64
C ILE B 91 7.11 -10.22 -26.78
N ALA B 92 8.11 -9.43 -27.11
CA ALA B 92 9.05 -9.74 -28.17
C ALA B 92 10.39 -9.27 -27.64
N LEU B 93 11.43 -10.08 -27.86
CA LEU B 93 12.80 -9.74 -27.47
C LEU B 93 13.56 -9.46 -28.78
N LEU B 94 14.08 -8.24 -28.95
CA LEU B 94 14.77 -7.90 -30.18
C LEU B 94 16.29 -7.76 -30.03
N ARG B 95 17.02 -8.38 -30.96
CA ARG B 95 18.48 -8.31 -30.98
C ARG B 95 18.87 -7.23 -31.98
N LEU B 96 19.65 -6.23 -31.55
CA LEU B 96 20.10 -5.18 -32.47
C LEU B 96 21.39 -5.70 -33.16
N HIS B 97 21.55 -5.37 -34.44
CA HIS B 97 22.69 -5.80 -35.27
C HIS B 97 24.05 -5.33 -34.71
N GLN B 98 24.12 -4.09 -34.27
CA GLN B 98 25.33 -3.54 -33.67
C GLN B 98 24.79 -2.91 -32.39
N PRO B 99 25.61 -2.80 -31.33
CA PRO B 99 25.16 -2.20 -30.07
C PRO B 99 25.06 -0.67 -30.05
N VAL B 100 24.08 -0.18 -29.30
CA VAL B 100 23.97 1.26 -29.15
C VAL B 100 25.08 1.67 -28.18
N VAL B 101 25.43 2.94 -28.20
CA VAL B 101 26.43 3.49 -27.32
C VAL B 101 25.63 4.22 -26.22
N LEU B 102 25.94 3.90 -24.98
CA LEU B 102 25.29 4.48 -23.83
C LEU B 102 25.75 5.90 -23.66
N THR B 103 24.78 6.82 -23.54
CA THR B 103 25.03 8.26 -23.38
C THR B 103 23.98 8.85 -22.44
N ASP B 104 24.09 10.15 -22.19
CA ASP B 104 23.14 10.87 -21.33
C ASP B 104 21.70 10.71 -21.84
N HIS B 105 21.56 10.45 -23.12
CA HIS B 105 20.24 10.33 -23.73
C HIS B 105 19.82 8.91 -24.11
N VAL B 106 20.72 7.94 -23.94
CA VAL B 106 20.48 6.53 -24.27
C VAL B 106 20.98 5.70 -23.10
N VAL B 107 20.05 5.16 -22.30
CA VAL B 107 20.39 4.37 -21.11
C VAL B 107 19.39 3.22 -21.00
N PRO B 108 19.86 2.01 -20.69
CA PRO B 108 18.90 0.91 -20.57
C PRO B 108 18.13 0.90 -19.25
N LEU B 109 16.96 0.28 -19.29
CA LEU B 109 16.08 0.09 -18.14
C LEU B 109 16.42 -1.31 -17.56
N CYS B 110 16.53 -1.42 -16.24
CA CYS B 110 16.85 -2.71 -15.63
C CYS B 110 15.74 -3.71 -15.75
N LEU B 111 16.10 -4.90 -16.22
CA LEU B 111 15.16 -5.99 -16.30
C LEU B 111 15.40 -6.56 -14.89
N PRO B 112 14.34 -6.71 -14.10
CA PRO B 112 14.58 -7.22 -12.75
C PRO B 112 14.42 -8.72 -12.56
N GLU B 113 14.88 -9.21 -11.41
CA GLU B 113 14.69 -10.60 -11.04
C GLU B 113 13.20 -10.83 -10.81
N ARG B 114 12.72 -12.03 -11.13
CA ARG B 114 11.33 -12.40 -10.98
C ARG B 114 10.71 -12.16 -9.59
N THR B 115 11.33 -12.72 -8.55
CA THR B 115 10.77 -12.58 -7.18
C THR B 115 10.71 -11.11 -6.70
N PHE B 116 11.77 -10.36 -6.94
CA PHE B 116 11.83 -8.93 -6.57
C PHE B 116 10.65 -8.23 -7.25
N SER B 117 10.40 -8.61 -8.49
CA SER B 117 9.33 -8.02 -9.30
C SER B 117 7.95 -8.43 -8.80
N GLU B 118 7.80 -9.69 -8.49
CA GLU B 118 6.54 -10.17 -8.00
C GLU B 118 6.18 -9.72 -6.57
N ARG B 119 7.16 -9.73 -5.66
CA ARG B 119 6.93 -9.37 -4.25
C ARG B 119 7.16 -7.94 -3.82
N THR B 120 7.89 -7.19 -4.65
CA THR B 120 8.19 -5.81 -4.35
C THR B 120 7.69 -4.75 -5.38
N LEU B 121 8.18 -4.87 -6.61
CA LEU B 121 7.79 -3.90 -7.66
C LEU B 121 6.31 -3.89 -7.92
N ALA B 122 5.68 -5.05 -7.77
CA ALA B 122 4.26 -5.19 -8.03
C ALA B 122 3.37 -4.40 -7.07
N PHE B 123 3.95 -3.96 -5.96
CA PHE B 123 3.16 -3.26 -4.97
C PHE B 123 3.46 -1.76 -4.87
N VAL B 124 4.31 -1.29 -5.77
CA VAL B 124 4.64 0.13 -5.93
C VAL B 124 3.38 0.56 -6.73
N ARG B 125 2.62 1.52 -6.18
CA ARG B 125 1.36 1.97 -6.79
C ARG B 125 1.45 2.50 -8.22
N PHE B 126 2.28 3.53 -8.40
CA PHE B 126 2.44 4.19 -9.69
C PHE B 126 3.69 3.82 -10.49
N SER B 127 3.53 3.83 -11.81
CA SER B 127 4.59 3.55 -12.75
C SER B 127 4.34 4.42 -13.98
N LEU B 128 5.38 4.69 -14.74
CA LEU B 128 5.24 5.49 -15.96
C LEU B 128 5.11 4.61 -17.22
N VAL B 129 4.27 5.05 -18.17
CA VAL B 129 4.12 4.40 -19.48
C VAL B 129 4.35 5.53 -20.49
N SER B 130 5.12 5.25 -21.53
CA SER B 130 5.42 6.27 -22.54
C SER B 130 5.21 5.82 -23.99
N GLY B 131 5.29 6.79 -24.90
CA GLY B 131 5.14 6.53 -26.32
C GLY B 131 4.76 7.72 -27.20
N TRP B 132 4.78 7.45 -28.50
CA TRP B 132 4.43 8.41 -29.55
C TRP B 132 3.09 8.01 -30.16
N GLY B 133 2.32 7.21 -29.42
CA GLY B 133 1.02 6.76 -29.89
C GLY B 133 -0.05 7.83 -29.96
N GLN B 134 -1.26 7.40 -30.27
CA GLN B 134 -2.42 8.28 -30.42
C GLN B 134 -2.69 9.05 -29.11
N LEU B 135 -2.96 10.34 -29.30
CA LEU B 135 -3.26 11.26 -28.23
C LEU B 135 -4.73 11.16 -27.85
N LEU B 136 -5.51 10.50 -28.69
CA LEU B 136 -6.93 10.25 -28.46
C LEU B 136 -7.24 8.99 -29.21
N ASP B 137 -8.22 8.22 -28.72
CA ASP B 137 -8.65 6.98 -29.37
C ASP B 137 -9.08 7.36 -30.78
N ARG B 138 -8.42 6.76 -31.77
CA ARG B 138 -8.66 7.03 -33.19
C ARG B 138 -8.13 8.40 -33.67
N GLY B 139 -7.57 9.18 -32.76
CA GLY B 139 -7.01 10.48 -33.09
C GLY B 139 -5.60 10.36 -33.67
N ALA B 140 -4.90 11.48 -33.80
CA ALA B 140 -3.55 11.47 -34.37
C ALA B 140 -2.48 11.06 -33.36
N THR B 141 -1.31 10.64 -33.87
CA THR B 141 -0.18 10.26 -33.02
C THR B 141 0.66 11.49 -32.67
N ALA B 142 1.44 11.33 -31.61
CA ALA B 142 2.27 12.40 -31.07
C ALA B 142 3.59 12.59 -31.80
N LEU B 143 4.03 13.85 -31.85
CA LEU B 143 5.32 14.21 -32.46
C LEU B 143 6.42 14.25 -31.38
N GLU B 144 6.08 14.57 -30.14
CA GLU B 144 7.08 14.54 -29.06
C GLU B 144 6.72 13.36 -28.12
N LEU B 145 7.74 12.69 -27.59
CA LEU B 145 7.54 11.55 -26.70
C LEU B 145 6.59 11.90 -25.56
N MET B 146 5.57 11.08 -25.35
CA MET B 146 4.59 11.35 -24.26
C MET B 146 4.81 10.34 -23.11
N VAL B 147 4.49 10.75 -21.87
CA VAL B 147 4.68 9.85 -20.71
C VAL B 147 3.50 10.09 -19.78
N LEU B 148 3.03 9.02 -19.14
CA LEU B 148 1.89 9.06 -18.24
C LEU B 148 2.15 8.24 -16.96
N ASN B 149 1.66 8.73 -15.81
CA ASN B 149 1.80 8.02 -14.52
C ASN B 149 0.46 7.26 -14.32
N VAL B 150 0.53 5.93 -14.19
CA VAL B 150 -0.65 5.10 -14.02
C VAL B 150 -0.58 4.19 -12.77
N PRO B 151 -1.70 4.00 -12.06
CA PRO B 151 -1.68 3.13 -10.88
C PRO B 151 -2.02 1.68 -11.26
N ARG B 152 -1.32 0.75 -10.65
CA ARG B 152 -1.50 -0.67 -10.93
C ARG B 152 -2.63 -1.30 -10.11
N LEU B 153 -3.30 -2.29 -10.69
CA LEU B 153 -4.35 -2.99 -10.01
C LEU B 153 -4.13 -4.49 -10.09
N MET B 154 -4.54 -5.20 -9.04
CA MET B 154 -4.47 -6.64 -9.02
C MET B 154 -5.64 -7.02 -9.94
N THR B 155 -5.52 -8.14 -10.65
CA THR B 155 -6.57 -8.54 -11.61
C THR B 155 -8.01 -8.71 -11.08
N GLN B 156 -8.16 -9.18 -9.85
CA GLN B 156 -9.50 -9.34 -9.25
C GLN B 156 -10.21 -7.97 -9.18
N ASP B 157 -9.49 -6.93 -8.79
CA ASP B 157 -10.08 -5.59 -8.71
C ASP B 157 -10.38 -5.06 -10.11
N CYS B 158 -9.45 -5.31 -11.02
CA CYS B 158 -9.61 -4.87 -12.42
C CYS B 158 -10.90 -5.52 -12.99
N LEU B 159 -11.09 -6.81 -12.75
CA LEU B 159 -12.28 -7.49 -13.23
C LEU B 159 -13.53 -6.89 -12.58
N GLN B 160 -13.41 -6.58 -11.30
CA GLN B 160 -14.54 -6.02 -10.53
C GLN B 160 -14.89 -4.58 -10.89
N GLN B 161 -13.92 -3.80 -11.34
CA GLN B 161 -14.17 -2.41 -11.67
C GLN B 161 -14.27 -2.11 -13.16
N SER B 162 -14.29 -3.14 -13.99
CA SER B 162 -14.38 -2.95 -15.43
C SER B 162 -15.78 -3.26 -15.98
N ARG B 163 -16.31 -2.36 -16.79
CA ARG B 163 -17.62 -2.52 -17.42
C ARG B 163 -17.66 -3.81 -18.26
N LYS B 164 -18.76 -4.54 -18.14
CA LYS B 164 -18.95 -5.78 -18.86
C LYS B 164 -19.04 -5.55 -20.37
N VAL B 165 -18.23 -6.32 -21.12
CA VAL B 165 -18.18 -6.27 -22.58
C VAL B 165 -17.96 -7.71 -23.06
N GLY B 166 -18.88 -8.20 -23.89
CA GLY B 166 -18.77 -9.55 -24.43
C GLY B 166 -17.80 -9.53 -25.61
N ASP B 167 -17.09 -10.64 -25.83
CA ASP B 167 -16.09 -10.75 -26.90
C ASP B 167 -14.73 -10.14 -26.50
N SER B 168 -14.67 -9.50 -25.33
CA SER B 168 -13.42 -8.91 -24.83
C SER B 168 -12.49 -10.04 -24.33
N PRO B 169 -11.16 -9.87 -24.49
CA PRO B 169 -10.15 -10.84 -24.08
C PRO B 169 -10.07 -11.08 -22.58
N ASN B 170 -9.62 -12.27 -22.20
CA ASN B 170 -9.45 -12.56 -20.79
C ASN B 170 -8.18 -11.86 -20.33
N ILE B 171 -8.16 -11.47 -19.07
CA ILE B 171 -6.97 -10.88 -18.48
C ILE B 171 -6.35 -12.12 -17.80
N THR B 172 -5.22 -12.56 -18.33
CA THR B 172 -4.52 -13.75 -17.82
C THR B 172 -3.41 -13.42 -16.84
N GLU B 173 -2.79 -14.47 -16.31
CA GLU B 173 -1.70 -14.34 -15.36
C GLU B 173 -0.48 -13.74 -16.07
N TYR B 174 -0.56 -13.61 -17.39
CA TYR B 174 0.55 -13.03 -18.17
C TYR B 174 0.33 -11.55 -18.46
N MET B 175 -0.67 -10.99 -17.81
CA MET B 175 -1.06 -9.60 -17.97
C MET B 175 -1.39 -8.96 -16.62
N PHE B 176 -1.59 -7.63 -16.64
CA PHE B 176 -2.00 -6.82 -15.47
C PHE B 176 -2.55 -5.49 -15.96
N CYS B 177 -3.56 -4.95 -15.25
CA CYS B 177 -4.16 -3.68 -15.60
C CYS B 177 -3.51 -2.54 -14.84
N ALA B 178 -3.50 -1.38 -15.45
CA ALA B 178 -2.97 -0.18 -14.84
C ALA B 178 -3.72 0.99 -15.53
N GLY B 179 -3.97 2.06 -14.78
CA GLY B 179 -4.65 3.18 -15.39
C GLY B 179 -5.79 3.72 -14.58
N TYR B 180 -6.72 4.39 -15.25
CA TYR B 180 -7.90 5.01 -14.64
C TYR B 180 -9.15 4.59 -15.42
N SER B 181 -10.26 4.43 -14.71
CA SER B 181 -11.52 4.03 -15.35
C SER B 181 -12.47 5.22 -15.59
N ASP B 182 -12.02 6.42 -15.26
CA ASP B 182 -12.85 7.61 -15.42
C ASP B 182 -12.78 8.28 -16.79
N GLY B 183 -12.09 7.65 -17.73
CA GLY B 183 -11.99 8.21 -19.08
C GLY B 183 -11.03 9.38 -19.19
N SER B 184 -10.09 9.51 -18.25
CA SER B 184 -9.15 10.64 -18.29
C SER B 184 -7.74 10.42 -18.88
N LYS B 185 -7.15 9.26 -18.60
CA LYS B 185 -5.78 8.96 -19.01
C LYS B 185 -5.61 7.47 -19.32
N ASP B 186 -4.74 7.15 -20.26
CA ASP B 186 -4.51 5.75 -20.66
C ASP B 186 -3.43 5.73 -21.73
N SER B 187 -2.89 4.56 -22.03
CA SER B 187 -1.92 4.45 -23.11
C SER B 187 -2.85 4.23 -24.31
N CYS B 188 -2.34 4.22 -25.54
CA CYS B 188 -3.25 4.08 -26.65
C CYS B 188 -2.63 3.35 -27.82
N LYS B 189 -3.34 3.25 -28.94
CA LYS B 189 -2.83 2.57 -30.14
C LYS B 189 -1.56 3.28 -30.58
N GLY B 190 -0.54 2.50 -30.95
CA GLY B 190 0.73 3.08 -31.36
C GLY B 190 1.72 3.17 -30.19
N ASP B 191 1.26 2.90 -28.96
CA ASP B 191 2.14 2.95 -27.79
C ASP B 191 2.63 1.57 -27.44
N SER B 192 2.06 0.56 -28.08
CA SER B 192 2.43 -0.82 -27.85
C SER B 192 3.94 -1.06 -27.91
N GLY B 193 4.40 -1.94 -27.03
CA GLY B 193 5.81 -2.29 -26.96
C GLY B 193 6.58 -1.36 -26.06
N GLY B 194 6.00 -0.20 -25.75
CA GLY B 194 6.63 0.79 -24.90
C GLY B 194 6.73 0.31 -23.47
N PRO B 195 7.59 0.95 -22.68
CA PRO B 195 7.72 0.51 -21.30
C PRO B 195 6.66 1.00 -20.29
N HIS B 196 6.47 0.19 -19.25
CA HIS B 196 5.66 0.52 -18.07
C HIS B 196 6.82 0.34 -17.08
N ALA B 197 7.45 1.45 -16.72
CA ALA B 197 8.62 1.47 -15.85
C ALA B 197 8.29 1.83 -14.40
N THR B 198 8.91 1.11 -13.47
CA THR B 198 8.68 1.29 -12.03
C THR B 198 9.94 1.74 -11.26
N HIS B 199 9.84 2.88 -10.59
CA HIS B 199 10.92 3.48 -9.78
C HIS B 199 10.84 2.85 -8.38
N TYR B 200 11.96 2.37 -7.88
CA TYR B 200 12.04 1.75 -6.54
C TYR B 200 13.42 1.96 -5.97
N ARG B 201 13.46 2.74 -4.89
CA ARG B 201 14.68 3.07 -4.19
C ARG B 201 15.81 3.50 -5.12
N GLY B 202 15.50 4.52 -5.91
CA GLY B 202 16.47 5.13 -6.82
C GLY B 202 16.80 4.50 -8.16
N THR B 203 16.13 3.40 -8.50
CA THR B 203 16.42 2.72 -9.75
C THR B 203 15.11 2.35 -10.41
N TRP B 204 15.07 2.51 -11.73
CA TRP B 204 13.90 2.19 -12.53
C TRP B 204 14.00 0.77 -13.10
N TYR B 205 12.88 0.04 -13.10
CA TYR B 205 12.81 -1.33 -13.59
C TYR B 205 11.66 -1.52 -14.60
N LEU B 206 11.80 -2.51 -15.47
CA LEU B 206 10.77 -2.86 -16.45
C LEU B 206 9.76 -3.83 -15.82
N THR B 207 8.49 -3.45 -15.71
CA THR B 207 7.46 -4.31 -15.14
C THR B 207 6.37 -4.71 -16.12
N GLY B 208 6.20 -3.91 -17.16
CA GLY B 208 5.17 -4.24 -18.11
C GLY B 208 5.43 -3.64 -19.48
N ILE B 209 4.63 -4.09 -20.44
CA ILE B 209 4.72 -3.66 -21.84
C ILE B 209 3.31 -3.23 -22.24
N VAL B 210 3.20 -2.06 -22.88
CA VAL B 210 1.90 -1.57 -23.35
C VAL B 210 1.41 -2.69 -24.27
N SER B 211 0.25 -3.25 -23.96
CA SER B 211 -0.29 -4.37 -24.74
C SER B 211 -1.65 -4.18 -25.43
N TRP B 212 -2.74 -3.96 -24.69
CA TRP B 212 -4.06 -3.79 -25.30
C TRP B 212 -5.02 -3.05 -24.36
N GLY B 213 -6.23 -2.81 -24.86
CA GLY B 213 -7.24 -2.12 -24.10
C GLY B 213 -8.50 -2.09 -24.92
N GLN B 214 -9.63 -1.74 -24.28
CA GLN B 214 -10.94 -1.61 -24.89
C GLN B 214 -11.09 -0.13 -25.17
N GLY B 215 -10.47 0.36 -26.22
CA GLY B 215 -10.54 1.77 -26.54
C GLY B 215 -9.65 2.45 -25.54
N CYS B 216 -9.11 3.61 -25.90
CA CYS B 216 -8.23 4.36 -25.03
C CYS B 216 -8.99 5.30 -24.15
N ALA B 217 -8.76 5.20 -22.86
CA ALA B 217 -9.41 6.04 -21.86
C ALA B 217 -10.92 5.96 -21.95
N THR B 218 -11.43 4.73 -22.03
CA THR B 218 -12.86 4.45 -22.10
C THR B 218 -13.36 4.26 -20.65
N VAL B 219 -14.45 4.96 -20.31
CA VAL B 219 -15.03 4.87 -18.97
C VAL B 219 -15.31 3.42 -18.66
N GLY B 220 -14.96 3.01 -17.44
CA GLY B 220 -15.17 1.63 -17.03
C GLY B 220 -14.12 0.64 -17.52
N HIS B 221 -12.95 1.13 -17.94
CA HIS B 221 -11.87 0.27 -18.43
C HIS B 221 -10.49 0.80 -18.10
N PHE B 222 -9.53 -0.13 -18.00
CA PHE B 222 -8.12 0.16 -17.71
C PHE B 222 -7.22 -0.33 -18.88
N GLY B 223 -5.98 0.16 -18.93
CA GLY B 223 -5.04 -0.31 -19.93
C GLY B 223 -4.52 -1.65 -19.44
N VAL B 224 -4.26 -2.59 -20.36
CA VAL B 224 -3.76 -3.93 -19.98
C VAL B 224 -2.32 -4.08 -20.48
N TYR B 225 -1.42 -4.46 -19.59
CA TYR B 225 -0.01 -4.57 -19.89
C TYR B 225 0.49 -5.99 -19.76
N THR B 226 1.60 -6.28 -20.45
CA THR B 226 2.21 -7.60 -20.37
C THR B 226 2.96 -7.69 -19.03
N ARG B 227 2.72 -8.77 -18.28
CA ARG B 227 3.36 -8.98 -16.99
C ARG B 227 4.76 -9.54 -17.21
N VAL B 228 5.72 -8.65 -17.38
CA VAL B 228 7.11 -9.01 -17.63
C VAL B 228 7.76 -10.00 -16.63
N SER B 229 7.31 -10.00 -15.38
CA SER B 229 7.86 -10.88 -14.36
C SER B 229 7.73 -12.38 -14.71
N GLN B 230 6.76 -12.72 -15.55
CA GLN B 230 6.51 -14.11 -15.97
C GLN B 230 7.51 -14.56 -17.02
N TYR B 231 8.27 -13.60 -17.56
CA TYR B 231 9.18 -13.85 -18.65
C TYR B 231 10.66 -13.63 -18.36
N ILE B 232 11.03 -13.37 -17.11
CA ILE B 232 12.46 -13.10 -16.82
C ILE B 232 13.48 -14.19 -17.26
N GLU B 233 13.16 -15.45 -16.96
CA GLU B 233 14.01 -16.60 -17.27
C GLU B 233 14.06 -16.84 -18.78
N TRP B 234 12.90 -16.74 -19.42
CA TRP B 234 12.75 -16.91 -20.88
C TRP B 234 13.63 -15.85 -21.57
N LEU B 235 13.55 -14.60 -21.12
CA LEU B 235 14.34 -13.51 -21.71
C LEU B 235 15.86 -13.71 -21.47
N GLN B 236 16.24 -14.02 -20.23
CA GLN B 236 17.65 -14.22 -19.89
C GLN B 236 18.27 -15.35 -20.71
N LYS B 237 17.57 -16.47 -20.79
CA LYS B 237 18.06 -17.60 -21.56
C LYS B 237 18.30 -17.22 -23.03
N LEU B 238 17.31 -16.57 -23.63
CA LEU B 238 17.41 -16.19 -25.02
C LEU B 238 18.45 -15.11 -25.28
N MET B 239 18.83 -14.34 -24.25
CA MET B 239 19.85 -13.33 -24.48
C MET B 239 21.24 -13.98 -24.50
N ARG B 240 21.28 -15.27 -24.17
CA ARG B 240 22.52 -16.07 -24.15
C ARG B 240 22.66 -16.98 -25.37
N SER B 241 21.56 -17.15 -26.09
CA SER B 241 21.53 -18.00 -27.28
C SER B 241 22.27 -17.36 -28.47
N GLU B 242 22.82 -18.23 -29.32
CA GLU B 242 23.61 -17.81 -30.47
C GLU B 242 22.71 -17.36 -31.64
N PRO B 243 23.17 -16.38 -32.42
CA PRO B 243 22.51 -15.78 -33.58
C PRO B 243 22.03 -16.75 -34.64
N ARG B 244 20.78 -16.58 -35.06
CA ARG B 244 20.18 -17.43 -36.08
C ARG B 244 19.95 -16.69 -37.42
N PRO B 245 19.97 -17.43 -38.55
CA PRO B 245 19.78 -16.92 -39.92
C PRO B 245 18.53 -16.08 -40.17
N GLY B 246 17.38 -16.61 -39.79
CA GLY B 246 16.14 -15.88 -40.01
C GLY B 246 15.93 -14.78 -38.97
N VAL B 247 15.15 -13.77 -39.34
CA VAL B 247 14.89 -12.67 -38.43
C VAL B 247 13.92 -13.12 -37.35
N LEU B 248 12.75 -13.61 -37.74
CA LEU B 248 11.78 -14.04 -36.74
C LEU B 248 12.17 -15.38 -36.13
N LEU B 249 11.97 -15.49 -34.83
CA LEU B 249 12.24 -16.70 -34.10
C LEU B 249 11.10 -16.90 -33.11
N ARG B 250 10.35 -17.99 -33.25
CA ARG B 250 9.30 -18.26 -32.27
C ARG B 250 9.90 -19.28 -31.32
N ALA B 251 10.36 -18.79 -30.17
CA ALA B 251 10.96 -19.60 -29.13
C ALA B 251 9.93 -20.24 -28.19
N PRO B 252 10.17 -21.47 -27.70
CA PRO B 252 9.20 -22.08 -26.80
C PRO B 252 9.08 -21.31 -25.49
N PHE B 253 7.87 -21.34 -24.94
CA PHE B 253 7.60 -20.70 -23.65
C PHE B 253 6.77 -21.71 -22.84
N PRO B 254 7.16 -21.95 -21.57
CA PRO B 254 8.29 -21.35 -20.84
C PRO B 254 9.71 -21.80 -21.24
N THR C 1 -7.48 -22.54 -1.58
CA THR C 1 -7.77 -21.48 -0.56
C THR C 1 -9.18 -20.85 -0.67
N VAL C 2 -9.61 -20.22 0.42
CA VAL C 2 -10.89 -19.54 0.50
C VAL C 2 -10.58 -18.09 0.83
N ALA C 3 -11.39 -17.18 0.32
CA ALA C 3 -11.21 -15.76 0.57
C ALA C 3 -11.70 -15.39 1.97
N ALA C 4 -11.01 -14.45 2.62
CA ALA C 4 -11.38 -13.99 3.94
C ALA C 4 -12.61 -13.11 3.84
N TYR C 5 -13.49 -13.16 4.83
CA TYR C 5 -14.67 -12.32 4.78
C TYR C 5 -14.86 -11.56 6.11
N ASN C 6 -15.90 -10.74 6.17
CA ASN C 6 -16.23 -9.95 7.35
C ASN C 6 -15.07 -9.17 7.91
N LEU C 7 -14.25 -8.63 7.02
CA LEU C 7 -13.10 -7.81 7.43
C LEU C 7 -13.69 -6.59 8.16
N THR C 8 -13.19 -6.36 9.37
CA THR C 8 -13.69 -5.29 10.22
C THR C 8 -12.56 -4.51 10.90
N TRP C 9 -12.74 -3.21 11.02
CA TRP C 9 -11.78 -2.37 11.70
C TRP C 9 -12.14 -2.20 13.18
N LYS C 10 -11.23 -2.56 14.08
CA LYS C 10 -11.43 -2.38 15.51
C LYS C 10 -10.39 -1.34 15.93
N SER C 11 -10.84 -0.13 16.24
CA SER C 11 -9.94 0.98 16.59
C SER C 11 -10.46 1.78 17.78
N THR C 12 -9.59 2.02 18.75
CA THR C 12 -9.92 2.84 19.93
C THR C 12 -8.66 3.60 20.28
N ASN C 13 -8.73 4.91 20.30
CA ASN C 13 -7.57 5.78 20.60
C ASN C 13 -6.36 5.50 19.69
N PHE C 14 -6.73 5.17 18.45
CA PHE C 14 -5.80 4.87 17.35
C PHE C 14 -5.11 3.49 17.36
N LYS C 15 -5.42 2.64 18.34
CA LYS C 15 -4.88 1.28 18.37
C LYS C 15 -5.87 0.66 17.40
N THR C 16 -5.38 0.34 16.20
CA THR C 16 -6.22 -0.18 15.11
C THR C 16 -5.82 -1.58 14.71
N ILE C 17 -6.76 -2.52 14.89
CA ILE C 17 -6.57 -3.95 14.55
C ILE C 17 -7.62 -4.35 13.51
N LEU C 18 -7.20 -4.95 12.40
CA LEU C 18 -8.17 -5.42 11.41
C LEU C 18 -8.46 -6.87 11.81
N GLU C 19 -9.72 -7.26 11.76
CA GLU C 19 -10.12 -8.61 12.08
C GLU C 19 -10.85 -9.18 10.88
N TRP C 20 -10.93 -10.50 10.81
CA TRP C 20 -11.61 -11.16 9.74
C TRP C 20 -11.92 -12.61 10.08
N GLU C 21 -12.61 -13.26 9.16
CA GLU C 21 -12.98 -14.66 9.23
C GLU C 21 -12.42 -15.22 7.92
N PRO C 22 -12.27 -16.56 7.80
CA PRO C 22 -12.54 -17.66 8.71
C PRO C 22 -11.25 -18.14 9.36
N LYS C 23 -11.39 -19.07 10.31
CA LYS C 23 -10.22 -19.64 10.97
C LYS C 23 -9.61 -20.49 9.86
N PRO C 24 -8.32 -20.27 9.56
CA PRO C 24 -7.61 -21.00 8.51
C PRO C 24 -7.38 -22.50 8.75
N VAL C 25 -7.62 -23.26 7.69
CA VAL C 25 -7.44 -24.70 7.61
C VAL C 25 -6.62 -24.84 6.34
N ASN C 26 -5.37 -25.24 6.51
CA ASN C 26 -4.42 -25.42 5.39
C ASN C 26 -4.15 -24.18 4.57
N GLN C 27 -4.15 -23.04 5.26
CA GLN C 27 -3.86 -21.75 4.64
C GLN C 27 -3.39 -20.70 5.67
N VAL C 28 -2.56 -19.77 5.21
CA VAL C 28 -2.05 -18.70 6.04
C VAL C 28 -2.44 -17.35 5.40
N TYR C 29 -2.30 -16.28 6.16
CA TYR C 29 -2.66 -14.95 5.72
C TYR C 29 -1.54 -13.92 5.75
N THR C 30 -1.63 -12.95 4.85
CA THR C 30 -0.73 -11.81 4.81
C THR C 30 -1.61 -10.57 4.57
N VAL C 31 -1.35 -9.50 5.32
CA VAL C 31 -2.13 -8.27 5.23
C VAL C 31 -1.36 -7.16 4.57
N GLN C 32 -2.05 -6.39 3.74
CA GLN C 32 -1.48 -5.22 3.06
C GLN C 32 -2.35 -4.00 3.40
N ILE C 33 -1.69 -2.85 3.51
CA ILE C 33 -2.36 -1.62 3.84
C ILE C 33 -1.77 -0.48 2.98
N SER C 34 -2.62 0.44 2.53
CA SER C 34 -2.16 1.59 1.74
C SER C 34 -3.08 2.78 1.88
N THR C 35 -2.61 3.92 1.38
CA THR C 35 -3.44 5.12 1.29
C THR C 35 -3.84 5.05 -0.19
N LYS C 36 -4.95 5.69 -0.53
CA LYS C 36 -5.46 5.67 -1.88
C LYS C 36 -4.42 5.82 -3.02
N SER C 37 -3.35 6.55 -2.81
CA SER C 37 -2.38 6.72 -3.90
C SER C 37 -0.97 6.31 -3.50
N GLY C 38 -0.88 5.61 -2.37
CA GLY C 38 0.41 5.19 -1.89
C GLY C 38 0.67 3.73 -2.16
N ASP C 39 1.88 3.31 -1.86
CA ASP C 39 2.29 1.92 -2.04
C ASP C 39 1.69 1.01 -0.95
N TRP C 40 1.51 -0.27 -1.27
CA TRP C 40 0.99 -1.23 -0.32
C TRP C 40 2.11 -1.71 0.58
N LYS C 41 1.82 -1.75 1.88
CA LYS C 41 2.79 -2.21 2.87
C LYS C 41 2.28 -3.55 3.38
N SER C 42 3.18 -4.53 3.53
CA SER C 42 2.81 -5.84 4.03
C SER C 42 2.97 -5.88 5.56
N LYS C 43 2.10 -6.64 6.21
CA LYS C 43 2.10 -6.78 7.66
C LYS C 43 1.59 -8.17 7.96
N CYS C 44 1.87 -8.65 9.18
CA CYS C 44 1.38 -9.96 9.65
C CYS C 44 1.60 -11.11 8.64
N PHE C 45 2.86 -11.23 8.21
CA PHE C 45 3.31 -12.23 7.21
C PHE C 45 3.07 -13.69 7.57
N TYR C 46 2.32 -14.36 6.72
CA TYR C 46 1.96 -15.78 6.85
C TYR C 46 1.45 -16.11 8.25
N THR C 47 0.59 -15.24 8.77
CA THR C 47 0.01 -15.46 10.09
C THR C 47 -1.14 -16.45 10.02
N THR C 48 -1.40 -17.13 11.13
CA THR C 48 -2.52 -18.06 11.23
C THR C 48 -3.63 -17.35 12.04
N ASP C 49 -3.29 -16.15 12.51
CA ASP C 49 -4.21 -15.30 13.27
C ASP C 49 -5.29 -14.85 12.27
N THR C 50 -6.40 -14.35 12.82
CA THR C 50 -7.47 -13.80 11.99
C THR C 50 -7.58 -12.32 12.39
N GLU C 51 -6.45 -11.73 12.76
CA GLU C 51 -6.40 -10.35 13.12
C GLU C 51 -5.00 -9.87 12.74
N CYS C 52 -4.85 -8.55 12.66
CA CYS C 52 -3.59 -7.92 12.32
C CYS C 52 -3.55 -6.51 12.88
N ASP C 53 -2.55 -6.24 13.70
CA ASP C 53 -2.37 -4.92 14.26
C ASP C 53 -1.78 -3.98 13.20
N LEU C 54 -2.52 -2.91 12.90
CA LEU C 54 -2.08 -1.95 11.90
C LEU C 54 -1.84 -0.57 12.50
N THR C 55 -1.81 -0.50 13.81
CA THR C 55 -1.60 0.74 14.56
C THR C 55 -0.40 1.52 14.05
N ASP C 56 0.73 0.86 13.92
CA ASP C 56 1.96 1.54 13.51
C ASP C 56 1.93 2.19 12.12
N GLU C 57 1.08 1.69 11.24
CA GLU C 57 0.94 2.26 9.91
C GLU C 57 0.00 3.47 9.92
N ILE C 58 -1.18 3.32 10.52
CA ILE C 58 -2.18 4.40 10.57
C ILE C 58 -1.77 5.64 11.39
N VAL C 59 -0.92 5.43 12.41
CA VAL C 59 -0.50 6.56 13.24
C VAL C 59 0.51 7.45 12.54
N LYS C 60 0.89 7.13 11.30
CA LYS C 60 1.84 7.98 10.59
C LYS C 60 1.14 9.27 10.14
N ASP C 61 -0.16 9.13 9.88
CA ASP C 61 -1.02 10.25 9.48
C ASP C 61 -2.45 9.81 9.77
N VAL C 62 -2.93 10.22 10.93
CA VAL C 62 -4.27 9.83 11.37
C VAL C 62 -5.42 10.36 10.51
N LYS C 63 -5.13 11.35 9.66
CA LYS C 63 -6.16 11.94 8.81
C LYS C 63 -6.28 11.37 7.40
N GLN C 64 -5.40 10.44 7.05
CA GLN C 64 -5.40 9.77 5.75
C GLN C 64 -6.48 8.71 5.74
N THR C 65 -6.83 8.24 4.55
CA THR C 65 -7.85 7.21 4.42
C THR C 65 -7.18 5.95 3.91
N TYR C 66 -7.26 4.89 4.71
CA TYR C 66 -6.61 3.62 4.40
C TYR C 66 -7.53 2.51 3.92
N LEU C 67 -6.94 1.59 3.16
CA LEU C 67 -7.68 0.44 2.65
C LEU C 67 -6.72 -0.72 2.90
N ALA C 68 -7.26 -1.85 3.32
CA ALA C 68 -6.42 -2.99 3.59
C ALA C 68 -7.00 -4.17 2.81
N ARG C 69 -6.18 -5.22 2.66
CA ARG C 69 -6.61 -6.42 1.98
C ARG C 69 -5.92 -7.60 2.62
N VAL C 70 -6.61 -8.73 2.65
CA VAL C 70 -6.11 -9.94 3.27
C VAL C 70 -5.88 -11.02 2.20
N PHE C 71 -4.60 -11.36 2.00
CA PHE C 71 -4.21 -12.38 1.02
C PHE C 71 -4.35 -13.77 1.63
N SER C 72 -4.83 -14.74 0.86
CA SER C 72 -4.96 -16.12 1.32
C SER C 72 -3.92 -16.98 0.57
N TYR C 73 -3.02 -17.62 1.30
CA TYR C 73 -2.00 -18.46 0.67
C TYR C 73 -2.18 -19.93 1.13
N PRO C 74 -1.87 -20.90 0.26
CA PRO C 74 -2.03 -22.31 0.65
C PRO C 74 -0.83 -22.81 1.47
N ALA C 75 -1.10 -23.80 2.32
CA ALA C 75 -0.08 -24.41 3.16
C ALA C 75 1.07 -25.03 2.35
N GLY C 76 2.28 -24.58 2.66
CA GLY C 76 3.46 -25.07 1.99
C GLY C 76 4.36 -23.87 1.76
N ASN C 77 3.78 -22.86 1.11
CA ASN C 77 4.47 -21.60 0.79
C ASN C 77 3.52 -20.36 0.93
N GLY C 85 1.39 -15.92 -9.82
CA GLY C 85 -0.06 -16.31 -9.66
C GLY C 85 -0.59 -15.53 -8.46
N GLU C 86 -1.35 -14.47 -8.71
CA GLU C 86 -1.88 -13.62 -7.65
C GLU C 86 -2.82 -14.39 -6.71
N PRO C 87 -2.64 -14.19 -5.37
CA PRO C 87 -3.46 -14.87 -4.36
C PRO C 87 -4.89 -14.42 -4.30
N LEU C 88 -5.70 -15.25 -3.64
CA LEU C 88 -7.11 -14.96 -3.41
C LEU C 88 -7.05 -13.93 -2.30
N TYR C 89 -7.88 -12.89 -2.38
CA TYR C 89 -7.86 -11.86 -1.36
C TYR C 89 -9.20 -11.19 -1.27
N GLU C 90 -9.34 -10.33 -0.27
CA GLU C 90 -10.57 -9.58 -0.04
C GLU C 90 -10.14 -8.22 0.49
N ASN C 91 -10.84 -7.17 0.05
CA ASN C 91 -10.56 -5.79 0.48
C ASN C 91 -11.41 -5.46 1.68
N SER C 92 -10.90 -4.55 2.51
CA SER C 92 -11.59 -4.09 3.73
C SER C 92 -12.34 -2.79 3.46
N PRO C 93 -13.17 -2.33 4.43
CA PRO C 93 -13.86 -1.07 4.16
C PRO C 93 -12.74 -0.05 4.28
N GLU C 94 -12.88 1.12 3.66
CA GLU C 94 -11.84 2.13 3.81
C GLU C 94 -11.91 2.57 5.26
N PHE C 95 -10.85 3.17 5.77
CA PHE C 95 -10.89 3.56 7.17
C PHE C 95 -10.08 4.84 7.36
N THR C 96 -10.74 5.86 7.90
CA THR C 96 -10.11 7.15 8.19
C THR C 96 -10.09 7.21 9.72
N PRO C 97 -8.94 6.94 10.34
CA PRO C 97 -8.72 6.94 11.79
C PRO C 97 -9.31 8.14 12.56
N TYR C 98 -8.95 9.36 12.14
CA TYR C 98 -9.39 10.60 12.80
C TYR C 98 -10.90 10.71 12.83
N LEU C 99 -11.58 10.19 11.80
CA LEU C 99 -13.03 10.27 11.76
C LEU C 99 -13.70 9.02 12.25
N GLU C 100 -12.96 7.94 12.44
CA GLU C 100 -13.61 6.71 12.87
C GLU C 100 -13.15 6.01 14.15
N THR C 101 -11.96 6.33 14.63
CA THR C 101 -11.46 5.66 15.85
C THR C 101 -12.37 5.91 17.05
N ASN C 102 -12.67 4.87 17.82
CA ASN C 102 -13.53 5.03 18.99
C ASN C 102 -12.82 5.87 20.05
N LEU C 103 -13.59 6.68 20.78
CA LEU C 103 -13.00 7.49 21.84
C LEU C 103 -12.99 6.59 23.05
N GLY C 104 -11.84 6.46 23.71
CA GLY C 104 -11.70 5.57 24.85
C GLY C 104 -12.47 5.98 26.10
N GLN C 105 -12.67 5.03 27.02
CA GLN C 105 -13.39 5.32 28.26
C GLN C 105 -12.51 6.25 29.05
N PRO C 106 -13.07 7.39 29.52
CA PRO C 106 -12.26 8.33 30.30
C PRO C 106 -12.21 7.94 31.79
N THR C 107 -11.34 8.62 32.54
CA THR C 107 -11.20 8.35 33.97
C THR C 107 -11.08 9.70 34.63
N ILE C 108 -11.88 9.91 35.67
CA ILE C 108 -11.84 11.17 36.45
C ILE C 108 -10.58 11.13 37.32
N GLN C 109 -9.68 12.07 37.06
CA GLN C 109 -8.43 12.17 37.81
C GLN C 109 -8.62 12.68 39.24
N SER C 110 -9.40 13.73 39.39
CA SER C 110 -9.66 14.32 40.69
C SER C 110 -10.82 15.29 40.68
N PHE C 111 -11.22 15.68 41.88
CA PHE C 111 -12.24 16.68 42.09
C PHE C 111 -11.83 17.44 43.34
N GLU C 112 -11.65 18.74 43.18
CA GLU C 112 -11.27 19.60 44.29
C GLU C 112 -12.31 20.69 44.54
N GLN C 113 -12.74 20.78 45.80
CA GLN C 113 -13.71 21.80 46.21
C GLN C 113 -12.88 23.06 46.54
N VAL C 114 -12.73 23.90 45.51
CA VAL C 114 -11.97 25.15 45.57
C VAL C 114 -13.07 26.19 45.80
N GLY C 115 -13.33 26.49 47.07
CA GLY C 115 -14.38 27.46 47.39
C GLY C 115 -15.73 26.78 47.25
N THR C 116 -16.77 27.55 46.93
CA THR C 116 -18.13 26.99 46.78
C THR C 116 -18.31 26.33 45.38
N LYS C 117 -17.20 26.00 44.74
CA LYS C 117 -17.20 25.39 43.43
C LYS C 117 -16.32 24.14 43.47
N VAL C 118 -16.66 23.17 42.63
CA VAL C 118 -15.86 21.96 42.55
C VAL C 118 -15.21 21.92 41.17
N ASN C 119 -13.90 21.66 41.13
CA ASN C 119 -13.20 21.52 39.87
C ASN C 119 -13.03 20.01 39.66
N VAL C 120 -13.49 19.52 38.52
CA VAL C 120 -13.38 18.08 38.20
C VAL C 120 -12.33 17.94 37.09
N THR C 121 -11.22 17.26 37.37
CA THR C 121 -10.18 17.08 36.37
C THR C 121 -10.25 15.69 35.71
N VAL C 122 -10.27 15.70 34.37
CA VAL C 122 -10.31 14.47 33.57
C VAL C 122 -8.85 14.07 33.21
N GLU C 123 -8.53 12.81 33.47
CA GLU C 123 -7.20 12.30 33.18
C GLU C 123 -7.00 12.36 31.68
N ASP C 124 -5.80 12.75 31.29
CA ASP C 124 -5.43 12.85 29.88
C ASP C 124 -5.52 11.44 29.30
N GLU C 125 -6.36 11.28 28.27
CA GLU C 125 -6.49 9.99 27.58
C GLU C 125 -5.30 9.86 26.62
N ARG C 126 -4.46 8.84 26.78
CA ARG C 126 -3.37 8.73 25.81
C ARG C 126 -3.78 7.85 24.62
N THR C 127 -3.18 8.20 23.49
CA THR C 127 -3.44 7.51 22.22
C THR C 127 -2.15 6.79 21.81
N LEU C 128 -2.24 6.05 20.71
CA LEU C 128 -1.11 5.32 20.21
C LEU C 128 -0.19 6.15 19.32
N VAL C 129 -0.54 7.43 19.10
CA VAL C 129 0.30 8.31 18.28
C VAL C 129 1.45 8.76 19.21
N ARG C 130 2.71 8.42 18.91
CA ARG C 130 3.78 8.84 19.83
C ARG C 130 4.80 9.87 19.44
N ARG C 131 4.34 11.06 19.10
CA ARG C 131 5.23 12.15 18.72
C ARG C 131 6.31 12.37 19.81
N ASN C 132 7.56 12.52 19.34
CA ASN C 132 8.73 12.79 20.18
C ASN C 132 8.81 11.95 21.49
N ASN C 133 9.01 10.65 21.30
CA ASN C 133 9.15 9.61 22.34
C ASN C 133 7.97 9.28 23.28
N THR C 134 7.08 10.25 23.45
CA THR C 134 5.95 10.09 24.32
C THR C 134 4.64 9.91 23.56
N PHE C 135 3.67 9.22 24.18
CA PHE C 135 2.36 9.03 23.58
C PHE C 135 1.55 10.31 23.74
N LEU C 136 0.89 10.73 22.67
CA LEU C 136 0.08 11.94 22.66
C LEU C 136 -1.31 11.65 23.24
N SER C 137 -1.89 12.64 23.91
CA SER C 137 -3.23 12.50 24.46
C SER C 137 -4.24 12.75 23.34
N LEU C 138 -5.51 12.49 23.61
CA LEU C 138 -6.60 12.70 22.65
C LEU C 138 -6.71 14.18 22.27
N ARG C 139 -6.48 15.03 23.26
CA ARG C 139 -6.56 16.48 23.10
C ARG C 139 -5.39 16.97 22.24
N ASP C 140 -4.24 16.31 22.34
CA ASP C 140 -3.07 16.71 21.54
C ASP C 140 -3.36 16.45 20.05
N VAL C 141 -4.15 15.41 19.80
CA VAL C 141 -4.50 14.99 18.45
C VAL C 141 -5.72 15.72 17.86
N PHE C 142 -6.80 15.79 18.63
CA PHE C 142 -8.04 16.44 18.19
C PHE C 142 -8.17 17.96 18.41
N GLY C 143 -7.48 18.45 19.43
CA GLY C 143 -7.55 19.87 19.73
C GLY C 143 -8.97 20.30 20.04
N LYS C 144 -9.40 21.38 19.36
CA LYS C 144 -10.73 21.95 19.58
C LYS C 144 -11.84 21.01 19.07
N ASP C 145 -11.48 19.91 18.42
CA ASP C 145 -12.49 18.97 17.93
C ASP C 145 -13.01 18.10 19.06
N LEU C 146 -12.24 18.05 20.14
CA LEU C 146 -12.61 17.25 21.29
C LEU C 146 -13.15 18.06 22.47
N ILE C 147 -14.21 17.57 23.09
CA ILE C 147 -14.74 18.20 24.29
C ILE C 147 -15.04 17.04 25.26
N TYR C 148 -15.05 17.35 26.54
CA TYR C 148 -15.41 16.35 27.54
C TYR C 148 -16.74 16.85 28.13
N THR C 149 -17.68 15.94 28.35
CA THR C 149 -18.99 16.27 28.95
C THR C 149 -19.12 15.58 30.32
N LEU C 150 -19.72 16.29 31.27
CA LEU C 150 -19.90 15.81 32.65
C LEU C 150 -21.40 15.63 32.92
N TYR C 151 -21.72 14.50 33.55
CA TYR C 151 -23.09 14.19 33.93
C TYR C 151 -22.95 14.11 35.42
N TYR C 152 -23.58 15.03 36.13
CA TYR C 152 -23.50 15.06 37.58
C TYR C 152 -24.87 15.28 38.23
N TRP C 153 -24.91 15.03 39.54
CA TRP C 153 -26.12 15.18 40.32
C TRP C 153 -25.74 15.42 41.78
N LYS C 161 -26.85 19.17 36.15
CA LYS C 161 -27.02 17.81 35.56
C LYS C 161 -25.96 17.55 34.49
N THR C 162 -25.72 18.55 33.64
CA THR C 162 -24.75 18.44 32.56
C THR C 162 -23.82 19.66 32.46
N ALA C 163 -22.55 19.42 32.13
CA ALA C 163 -21.53 20.47 31.95
C ALA C 163 -20.62 20.01 30.79
N LYS C 164 -20.01 20.95 30.08
CA LYS C 164 -19.14 20.63 28.94
C LYS C 164 -17.88 21.45 29.00
N THR C 165 -16.77 20.91 28.49
CA THR C 165 -15.50 21.66 28.55
C THR C 165 -14.62 21.55 27.28
N ASN C 166 -13.90 22.63 26.99
CA ASN C 166 -12.96 22.70 25.86
C ASN C 166 -11.55 22.26 26.27
N THR C 167 -11.40 21.90 27.55
CA THR C 167 -10.14 21.45 28.13
C THR C 167 -10.44 20.12 28.82
N ASN C 168 -9.68 19.78 29.86
CA ASN C 168 -9.91 18.56 30.64
C ASN C 168 -10.38 18.88 32.06
N GLU C 169 -10.95 20.07 32.25
CA GLU C 169 -11.45 20.49 33.57
C GLU C 169 -12.83 21.16 33.51
N PHE C 170 -13.63 20.90 34.54
CA PHE C 170 -14.96 21.49 34.71
C PHE C 170 -14.93 22.24 36.05
N LEU C 171 -15.39 23.49 36.05
CA LEU C 171 -15.47 24.30 37.27
C LEU C 171 -16.99 24.40 37.48
N ILE C 172 -17.58 23.55 38.32
CA ILE C 172 -19.01 23.59 38.52
C ILE C 172 -19.50 24.18 39.86
N ASP C 173 -20.69 24.78 39.83
CA ASP C 173 -21.31 25.37 41.01
C ASP C 173 -21.99 24.29 41.81
N VAL C 174 -21.78 24.31 43.11
CA VAL C 174 -22.36 23.33 44.01
C VAL C 174 -22.87 23.99 45.29
N ASP C 175 -23.85 23.36 45.90
CA ASP C 175 -24.41 23.84 47.17
C ASP C 175 -23.54 23.24 48.25
N LYS C 176 -23.01 24.12 49.08
CA LYS C 176 -22.11 23.76 50.18
C LYS C 176 -22.56 22.54 51.00
N GLY C 177 -21.58 21.65 51.26
CA GLY C 177 -21.80 20.43 52.04
C GLY C 177 -22.94 19.55 51.57
N GLU C 178 -22.94 19.20 50.28
CA GLU C 178 -24.00 18.35 49.74
C GLU C 178 -23.60 17.03 49.08
N ASN C 179 -22.31 16.83 48.79
CA ASN C 179 -21.77 15.60 48.14
C ASN C 179 -22.48 15.21 46.84
N TYR C 180 -21.82 15.48 45.71
CA TYR C 180 -22.36 15.18 44.39
C TYR C 180 -21.63 13.97 43.80
N CYS C 181 -22.15 13.45 42.69
CA CYS C 181 -21.52 12.31 42.00
C CYS C 181 -21.26 12.79 40.57
N PHE C 182 -20.14 12.37 40.00
CA PHE C 182 -19.76 12.77 38.65
C PHE C 182 -19.40 11.60 37.72
N SER C 183 -19.47 11.87 36.42
CA SER C 183 -19.16 10.88 35.40
C SER C 183 -18.81 11.69 34.13
N VAL C 184 -17.73 11.32 33.43
CA VAL C 184 -17.36 12.03 32.21
C VAL C 184 -17.45 11.19 30.90
N GLN C 185 -17.43 11.88 29.77
CA GLN C 185 -17.52 11.25 28.45
C GLN C 185 -16.72 12.09 27.45
N ALA C 186 -15.85 11.44 26.66
CA ALA C 186 -15.08 12.12 25.60
C ALA C 186 -16.08 12.20 24.44
N VAL C 187 -16.13 13.35 23.76
CA VAL C 187 -17.07 13.59 22.64
C VAL C 187 -16.38 14.40 21.53
N ILE C 188 -16.69 14.07 20.28
CA ILE C 188 -16.17 14.84 19.15
C ILE C 188 -17.50 15.29 18.60
N PRO C 189 -17.91 16.54 18.88
CA PRO C 189 -19.19 17.06 18.39
C PRO C 189 -19.45 17.07 16.86
N SER C 190 -18.41 17.33 16.05
CA SER C 190 -18.59 17.39 14.59
C SER C 190 -18.99 16.04 13.96
N ARG C 191 -18.83 14.98 14.72
CA ARG C 191 -19.15 13.66 14.24
C ARG C 191 -20.65 13.50 14.20
N THR C 192 -21.08 12.51 13.42
CA THR C 192 -22.48 12.17 13.27
C THR C 192 -22.65 10.73 13.75
N VAL C 193 -21.57 9.95 13.60
CA VAL C 193 -21.49 8.53 13.97
C VAL C 193 -20.31 8.35 14.94
N ASN C 194 -20.55 7.65 16.05
CA ASN C 194 -19.49 7.39 17.04
C ASN C 194 -18.94 8.72 17.60
N ARG C 195 -19.87 9.58 18.02
CA ARG C 195 -19.55 10.89 18.57
C ARG C 195 -18.90 10.80 19.94
N LYS C 196 -19.32 9.84 20.73
CA LYS C 196 -18.78 9.72 22.07
C LYS C 196 -18.28 8.42 22.61
N SER C 197 -17.51 8.54 23.69
CA SER C 197 -16.96 7.40 24.41
C SER C 197 -18.00 6.82 25.36
N THR C 198 -17.62 5.73 26.01
CA THR C 198 -18.47 5.10 27.01
C THR C 198 -18.22 5.99 28.23
N ASP C 199 -19.18 6.02 29.14
CA ASP C 199 -19.07 6.82 30.35
C ASP C 199 -17.96 6.34 31.26
N SER C 200 -17.34 7.26 31.98
CA SER C 200 -16.28 6.90 32.90
C SER C 200 -16.92 6.31 34.15
N PRO C 201 -16.12 5.66 35.01
CA PRO C 201 -16.70 5.12 36.22
C PRO C 201 -17.20 6.33 37.04
N VAL C 202 -18.34 6.19 37.72
CA VAL C 202 -18.86 7.28 38.54
C VAL C 202 -17.97 7.46 39.79
N GLU C 203 -17.62 8.71 40.09
CA GLU C 203 -16.83 9.05 41.28
C GLU C 203 -17.59 10.17 42.05
N CYS C 204 -17.90 9.90 43.30
CA CYS C 204 -18.62 10.85 44.14
C CYS C 204 -17.71 11.46 45.19
N MET C 205 -18.17 12.56 45.77
CA MET C 205 -17.43 13.29 46.81
C MET C 205 -17.39 12.50 48.13
#